data_8CRB
#
_entry.id   8CRB
#
loop_
_entity.id
_entity.type
_entity.pdbx_description
1 polymer 'Heavy chain'
2 polymer 'Light chain'
3 polymer 'Maltose/maltodextrin-binding periplasmic protein,Type III secretion protein PcrV'
#
loop_
_entity_poly.entity_id
_entity_poly.type
_entity_poly.pdbx_seq_one_letter_code
_entity_poly.pdbx_strand_id
1 'polypeptide(L)'
;EVQLLESGGGLVQPGGSLRLSCAASGFSFSSYAMSWVRQAPGKGLEWVSAISGSGGITYYGDSAKGRFTISRDNSKNTLY
LEMSSLRADDTAVYYCAQERYCDSGSCYERDPVFEYWGQGTRVTVSSASTKGPSVFPLAPSSKSTSGGTAALGCLVKDYF
PEPVTVSWNSGALTSGVHTFPAVLQSSGLYSLSSVVTVPSSSLGTQTYICNVNHKPSNTKVDKRVEP
;
A
2 'polypeptide(L)'
;QSVLTQPPSASGAPGQRVTISCSGSNSNIGTYFVYWYQQLPGTAPKVLIYRNDQRPSGVPDRISGSKSGTSASLAISGLR
SEDEADYYCASWDASLRGYVFGPGTKVTVLGQPKAAPSVTLFPPSSEELQANKATLVCLISDFYPGAVTVAWKADSSPVK
AGVETTTPSKQSNNKYAASSYLSLTPEQWKSHRSYSCQVTHEGSTVEKTVAPTECS
;
B
3 'polypeptide(L)'
;MGSWSHPQFEKGGGSGGGSGGGSWSHPQFEKSGLVPRGSASKTEEGKLVIWINGDKGYNGLAEVGKKFEKDTGIKVTVEH
PDKLEEKFPQVAATGDGPDIIFWAHDRFGGYAQSGLLAEITPAAAFQDKLYPFTWDAVRYNGKLIAYPIAVEALSLIYNK
DLLPNPPKTWEEIPALDKELKAKGKSALMFNLQEPYFTWPLIAADGGYAFKYAAGKYDIKDVGVDNAGAKAGLTFLVDLI
KNKHMNADTDYSIAEHAFNHGETAMTINGPWAWSNIDTSKVNYGVTVLPTFKGQPSKPFVGVLSAGINAASPNKELAKEF
LENYLLTDEGLEAVNKDKPLGAVALKSYEEELVKDPRVAATMENAQKGEIMPNIPQMSAFWYAVRTAVINAASGRQTVDE
VRNLNAARELFLDELLAAPAAPASAEQEELLALLRSERIVLAHAGQPLSEAQVLKALAWLLAANPSAPPGQGLEVLREVL
QARRQPGAQWDLREFLVSAYFSLHGRLDEDVIGVYKDVLQTQDGKRKALLDELKALTAELKVYSVIQSQINAALSAKQGI
RIDAGGIDLVDPTLYGYAVGDPRWKDSPEYALLSNLDTFSGKLSIKDFLSGSPKQSGELKGLKDEYPFEKDNNPVGNFAT
TVSDRSRPLNDKVNEKTTLLNDTSSRYNSAVEALNRFIQKYDSVLRDILSAI
;
C
#
# COMPACT_ATOMS: atom_id res chain seq x y z
N GLU A 1 25.96 4.32 -4.94
CA GLU A 1 24.48 4.37 -4.86
C GLU A 1 24.01 4.53 -3.41
N VAL A 2 22.96 5.34 -3.16
CA VAL A 2 22.32 5.51 -1.83
C VAL A 2 20.97 4.78 -1.84
N GLN A 3 20.71 3.91 -0.87
CA GLN A 3 19.50 3.07 -0.85
C GLN A 3 19.25 2.43 0.52
N LEU A 4 18.04 1.90 0.77
CA LEU A 4 17.84 0.88 1.82
C LEU A 4 17.91 -0.55 1.24
N LEU A 5 18.12 -1.56 2.10
CA LEU A 5 17.97 -2.98 1.80
C LEU A 5 17.27 -3.77 2.92
N GLU A 6 16.35 -4.66 2.55
CA GLU A 6 15.54 -5.49 3.46
C GLU A 6 16.19 -6.83 3.82
N SER A 7 15.70 -7.47 4.87
CA SER A 7 15.92 -8.90 5.16
C SER A 7 14.74 -9.55 5.90
N GLY A 8 14.62 -10.88 5.76
CA GLY A 8 13.70 -11.76 6.51
C GLY A 8 12.65 -12.52 5.66
N GLY A 9 12.24 -11.94 4.52
CA GLY A 9 10.97 -12.27 3.86
C GLY A 9 10.88 -13.60 3.09
N GLY A 10 9.65 -13.91 2.65
CA GLY A 10 9.30 -15.14 1.95
C GLY A 10 8.01 -15.78 2.46
N LEU A 11 8.14 -16.87 3.21
CA LEU A 11 7.05 -17.78 3.57
C LEU A 11 6.91 -17.96 5.10
N VAL A 12 5.67 -18.14 5.55
CA VAL A 12 5.25 -18.25 6.96
C VAL A 12 4.21 -19.36 7.14
N GLN A 13 3.90 -19.77 8.38
CA GLN A 13 2.90 -20.81 8.68
C GLN A 13 1.89 -20.40 9.77
N PRO A 14 0.61 -20.83 9.69
CA PRO A 14 -0.46 -20.42 10.61
C PRO A 14 -0.12 -20.62 12.10
N GLY A 15 -0.60 -19.70 12.95
CA GLY A 15 -0.35 -19.71 14.40
C GLY A 15 1.11 -19.44 14.84
N GLY A 16 2.09 -19.55 13.95
CA GLY A 16 3.49 -19.23 14.22
C GLY A 16 3.80 -17.74 14.16
N SER A 17 5.07 -17.40 13.92
CA SER A 17 5.53 -16.02 13.73
C SER A 17 6.81 -15.93 12.89
N LEU A 18 7.08 -14.75 12.33
CA LEU A 18 8.31 -14.44 11.57
C LEU A 18 8.60 -12.92 11.57
N ARG A 19 9.83 -12.56 11.22
CA ARG A 19 10.38 -11.19 11.27
C ARG A 19 10.68 -10.64 9.87
N LEU A 20 10.39 -9.36 9.67
CA LEU A 20 10.92 -8.53 8.59
C LEU A 20 11.80 -7.41 9.14
N SER A 21 12.75 -6.95 8.33
CA SER A 21 13.75 -5.97 8.75
C SER A 21 14.26 -5.13 7.59
N CYS A 22 14.74 -3.93 7.89
CA CYS A 22 15.21 -2.94 6.93
C CYS A 22 16.51 -2.29 7.40
N ALA A 23 17.48 -2.08 6.50
CA ALA A 23 18.77 -1.49 6.79
C ALA A 23 19.13 -0.38 5.79
N ALA A 24 19.71 0.72 6.26
CA ALA A 24 20.12 1.85 5.42
C ALA A 24 21.56 1.75 4.87
N SER A 25 21.83 2.37 3.72
CA SER A 25 23.15 2.43 3.10
C SER A 25 23.36 3.70 2.28
N GLY A 26 24.61 4.11 2.10
CA GLY A 26 25.01 5.33 1.38
C GLY A 26 24.75 6.65 2.14
N PHE A 27 23.86 6.65 3.14
CA PHE A 27 23.66 7.76 4.09
C PHE A 27 23.83 7.28 5.54
N SER A 28 24.28 8.18 6.42
CA SER A 28 24.36 7.91 7.86
C SER A 28 23.00 8.13 8.50
N PHE A 29 22.14 7.13 8.40
CA PHE A 29 20.74 7.15 8.85
C PHE A 29 20.61 7.45 10.35
N SER A 30 21.55 6.96 11.16
CA SER A 30 21.99 7.47 12.47
C SER A 30 20.94 7.54 13.60
N SER A 31 19.82 8.26 13.42
CA SER A 31 18.76 8.43 14.43
C SER A 31 17.37 8.71 13.87
N TYR A 32 17.21 8.91 12.56
CA TYR A 32 15.92 9.30 11.98
C TYR A 32 14.81 8.26 12.25
N ALA A 33 13.65 8.71 12.71
CA ALA A 33 12.47 7.89 12.98
C ALA A 33 11.99 7.10 11.76
N MET A 34 11.31 5.97 11.96
CA MET A 34 10.90 5.09 10.87
C MET A 34 9.45 4.58 10.99
N SER A 35 8.73 4.50 9.87
CA SER A 35 7.35 4.01 9.79
C SER A 35 7.21 2.86 8.78
N TRP A 36 6.29 1.92 9.03
CA TRP A 36 6.02 0.70 8.24
C TRP A 36 4.74 0.82 7.43
N VAL A 37 4.72 0.28 6.22
CA VAL A 37 3.58 0.32 5.30
C VAL A 37 3.42 -1.00 4.51
N ARG A 38 2.18 -1.38 4.18
CA ARG A 38 1.83 -2.60 3.41
C ARG A 38 1.47 -2.24 1.97
N GLN A 39 1.69 -3.17 1.04
CA GLN A 39 1.07 -3.19 -0.30
C GLN A 39 0.45 -4.57 -0.58
N ALA A 40 -0.54 -4.60 -1.47
CA ALA A 40 -1.22 -5.78 -1.98
C ALA A 40 -1.36 -5.69 -3.52
N PRO A 41 -1.74 -6.75 -4.23
CA PRO A 41 -1.98 -6.69 -5.66
C PRO A 41 -3.02 -5.64 -6.05
N GLY A 42 -2.76 -4.86 -7.08
CA GLY A 42 -3.74 -3.95 -7.68
C GLY A 42 -4.14 -2.73 -6.84
N LYS A 43 -3.36 -2.36 -5.81
CA LYS A 43 -3.57 -1.17 -4.97
C LYS A 43 -2.25 -0.43 -4.70
N GLY A 44 -2.36 0.82 -4.27
CA GLY A 44 -1.21 1.62 -3.84
C GLY A 44 -0.60 1.13 -2.53
N LEU A 45 -1.00 1.75 -1.41
CA LEU A 45 -0.27 1.68 -0.13
C LEU A 45 -1.21 1.85 1.09
N GLU A 46 -0.79 1.38 2.27
CA GLU A 46 -1.43 1.68 3.57
C GLU A 46 -0.47 1.64 4.78
N TRP A 47 -0.79 2.40 5.84
CA TRP A 47 -0.19 2.33 7.17
C TRP A 47 -0.01 0.89 7.66
N VAL A 48 1.12 0.60 8.30
CA VAL A 48 1.29 -0.56 9.18
C VAL A 48 1.76 -0.13 10.55
N SER A 49 2.69 0.82 10.65
CA SER A 49 2.97 1.42 11.95
C SER A 49 3.68 2.77 11.86
N ALA A 50 3.29 3.72 12.70
CA ALA A 50 3.89 5.05 12.73
C ALA A 50 5.05 5.15 13.72
N ILE A 51 6.08 5.91 13.34
CA ILE A 51 7.23 6.44 14.12
C ILE A 51 8.20 5.40 14.71
N SER A 52 7.67 4.35 15.34
CA SER A 52 8.41 3.61 16.38
C SER A 52 7.79 2.28 16.79
N GLY A 53 6.58 1.96 16.33
CA GLY A 53 5.76 0.92 16.95
C GLY A 53 4.77 1.46 17.99
N SER A 54 4.88 2.72 18.41
CA SER A 54 3.89 3.31 19.32
C SER A 54 2.53 3.49 18.66
N GLY A 55 2.50 3.97 17.41
CA GLY A 55 1.36 3.78 16.52
C GLY A 55 1.39 2.38 15.95
N GLY A 56 1.23 1.36 16.79
CA GLY A 56 1.52 -0.03 16.45
C GLY A 56 1.18 -1.00 17.59
N ILE A 57 -0.01 -0.84 18.15
CA ILE A 57 -0.60 -1.74 19.15
C ILE A 57 -0.61 -3.19 18.65
N THR A 58 -0.55 -4.17 19.55
CA THR A 58 -0.59 -5.62 19.22
C THR A 58 -1.96 -6.11 18.72
N TYR A 59 -2.80 -5.20 18.21
CA TYR A 59 -4.20 -5.42 17.88
C TYR A 59 -4.66 -4.69 16.59
N TYR A 60 -3.76 -4.16 15.75
CA TYR A 60 -4.02 -3.46 14.47
C TYR A 60 -4.94 -2.21 14.47
N GLY A 61 -4.86 -1.44 13.37
CA GLY A 61 -5.66 -0.22 13.14
C GLY A 61 -5.61 0.76 14.31
N ASP A 62 -6.78 1.28 14.70
CA ASP A 62 -7.03 1.69 16.09
C ASP A 62 -7.70 0.56 16.91
N SER A 63 -8.32 -0.44 16.27
CA SER A 63 -8.50 -1.80 16.81
C SER A 63 -9.00 -2.78 15.74
N ALA A 64 -8.42 -3.98 15.66
CA ALA A 64 -8.90 -5.10 14.84
C ALA A 64 -8.46 -6.53 15.29
N LYS A 65 -7.75 -6.68 16.42
CA LYS A 65 -7.24 -7.94 17.01
C LYS A 65 -6.26 -8.76 16.13
N GLY A 66 -5.10 -8.18 15.81
CA GLY A 66 -3.94 -8.90 15.23
C GLY A 66 -2.59 -8.49 15.81
N ARG A 67 -1.80 -9.49 16.22
CA ARG A 67 -0.53 -9.38 16.98
C ARG A 67 0.68 -9.09 16.10
N PHE A 68 0.88 -7.81 15.79
CA PHE A 68 2.01 -7.31 15.03
C PHE A 68 2.63 -6.12 15.75
N THR A 69 3.97 -6.02 15.76
CA THR A 69 4.72 -4.93 16.40
C THR A 69 6.20 -4.91 15.96
N ILE A 70 7.03 -4.02 16.52
CA ILE A 70 8.31 -3.53 15.95
C ILE A 70 9.44 -3.45 16.98
N SER A 71 10.68 -3.36 16.49
CA SER A 71 11.85 -2.90 17.24
C SER A 71 12.74 -1.99 16.38
N ARG A 72 13.61 -1.21 17.01
CA ARG A 72 14.36 -0.11 16.40
C ARG A 72 15.83 -0.08 16.83
N ASP A 73 16.74 0.10 15.86
CA ASP A 73 18.17 0.28 16.08
C ASP A 73 18.87 1.05 14.93
N ASN A 74 18.66 2.37 14.89
CA ASN A 74 19.40 3.25 13.98
C ASN A 74 20.92 3.26 14.26
N SER A 75 21.41 2.79 15.42
CA SER A 75 22.86 2.67 15.66
C SER A 75 23.47 1.58 14.77
N LYS A 76 22.74 0.48 14.60
CA LYS A 76 22.98 -0.54 13.56
C LYS A 76 22.52 -0.06 12.17
N ASN A 77 21.96 1.14 12.06
CA ASN A 77 21.27 1.64 10.87
C ASN A 77 20.22 0.66 10.35
N THR A 78 19.57 -0.13 11.22
CA THR A 78 18.59 -1.14 10.82
C THR A 78 17.50 -1.43 11.87
N LEU A 79 16.29 -1.74 11.42
CA LEU A 79 15.03 -1.73 12.19
C LEU A 79 14.10 -2.85 11.74
N TYR A 80 13.11 -3.24 12.56
CA TYR A 80 12.50 -4.58 12.49
C TYR A 80 11.00 -4.61 12.84
N LEU A 81 10.25 -5.54 12.26
CA LEU A 81 8.85 -5.83 12.56
C LEU A 81 8.64 -7.34 12.68
N GLU A 82 7.76 -7.76 13.58
CA GLU A 82 7.37 -9.16 13.75
C GLU A 82 5.87 -9.38 13.53
N MET A 83 5.58 -10.58 13.05
CA MET A 83 4.30 -11.01 12.51
C MET A 83 3.87 -12.28 13.24
N SER A 84 2.68 -12.35 13.84
CA SER A 84 2.30 -13.52 14.66
C SER A 84 0.80 -13.81 14.73
N SER A 85 0.44 -15.08 14.99
CA SER A 85 -0.96 -15.55 15.11
C SER A 85 -1.81 -15.29 13.87
N LEU A 86 -1.28 -15.73 12.71
CA LEU A 86 -1.66 -15.25 11.38
C LEU A 86 -3.11 -15.57 10.98
N ARG A 87 -3.77 -14.63 10.31
CA ARG A 87 -4.85 -14.91 9.34
C ARG A 87 -4.24 -15.32 8.00
N ALA A 88 -5.03 -15.79 7.05
CA ALA A 88 -4.60 -15.84 5.65
C ALA A 88 -4.24 -14.44 5.11
N ASP A 89 -5.05 -13.44 5.43
CA ASP A 89 -4.95 -12.06 4.92
C ASP A 89 -3.59 -11.38 5.15
N ASP A 90 -2.83 -11.80 6.16
CA ASP A 90 -1.51 -11.23 6.47
C ASP A 90 -0.47 -11.52 5.38
N THR A 91 -0.80 -12.46 4.49
CA THR A 91 -0.17 -12.68 3.20
C THR A 91 -0.21 -11.40 2.36
N ALA A 92 0.93 -10.73 2.13
CA ALA A 92 1.01 -9.46 1.39
C ALA A 92 2.48 -9.08 1.08
N VAL A 93 2.74 -7.80 0.79
CA VAL A 93 4.05 -7.20 0.57
C VAL A 93 4.25 -6.01 1.52
N TYR A 94 5.48 -5.68 1.91
CA TYR A 94 5.74 -4.68 2.96
C TYR A 94 6.94 -3.76 2.69
N TYR A 95 6.89 -2.50 3.15
CA TYR A 95 7.91 -1.45 2.97
C TYR A 95 8.10 -0.57 4.20
N CYS A 96 9.25 0.11 4.32
CA CYS A 96 9.57 1.02 5.42
C CYS A 96 10.09 2.36 4.93
N ALA A 97 9.84 3.43 5.69
CA ALA A 97 10.30 4.76 5.33
C ALA A 97 10.76 5.63 6.50
N GLN A 98 11.72 6.51 6.19
CA GLN A 98 12.32 7.52 7.09
C GLN A 98 11.68 8.89 6.99
N GLU A 99 11.62 9.59 8.12
CA GLU A 99 11.47 11.04 8.17
C GLU A 99 12.60 11.76 7.39
N ARG A 100 12.31 12.96 6.87
CA ARG A 100 13.35 13.97 6.64
C ARG A 100 12.76 15.36 6.51
N TYR A 101 12.06 15.65 5.42
CA TYR A 101 11.70 17.02 5.07
C TYR A 101 10.70 17.65 6.07
N CYS A 102 11.15 18.70 6.76
CA CYS A 102 10.43 19.46 7.79
C CYS A 102 11.10 20.82 8.00
N ASP A 103 10.35 21.92 8.05
CA ASP A 103 10.88 23.20 8.52
C ASP A 103 9.79 24.16 9.01
N SER A 104 10.16 25.14 9.84
CA SER A 104 9.26 26.17 10.40
C SER A 104 8.01 25.60 11.09
N GLY A 105 8.05 24.32 11.50
CA GLY A 105 6.89 23.51 11.90
C GLY A 105 5.93 23.27 10.73
N SER A 106 5.13 24.28 10.42
CA SER A 106 4.17 24.36 9.31
C SER A 106 2.95 23.43 9.42
N CYS A 107 3.13 22.13 9.66
CA CYS A 107 2.03 21.18 9.85
C CYS A 107 1.35 21.31 11.23
N TYR A 108 2.10 21.70 12.26
CA TYR A 108 1.67 21.90 13.64
C TYR A 108 1.03 20.67 14.35
N GLU A 109 1.11 19.50 13.73
CA GLU A 109 0.98 18.16 14.31
C GLU A 109 1.89 17.19 13.54
N ARG A 110 2.51 16.20 14.18
CA ARG A 110 3.51 15.28 13.57
C ARG A 110 4.60 16.02 12.78
N ASP A 111 4.53 16.02 11.45
CA ASP A 111 5.54 16.58 10.53
C ASP A 111 4.94 17.00 9.16
N PRO A 112 5.60 17.89 8.40
CA PRO A 112 5.50 17.92 6.94
C PRO A 112 5.91 16.55 6.40
N VAL A 113 5.23 16.09 5.35
CA VAL A 113 5.17 14.66 5.00
C VAL A 113 6.54 13.97 4.84
N PHE A 114 6.60 12.68 5.24
CA PHE A 114 7.78 11.82 5.25
C PHE A 114 8.45 11.68 3.86
N GLU A 115 9.63 11.05 3.74
CA GLU A 115 10.52 11.43 2.63
C GLU A 115 11.31 10.33 1.88
N TYR A 116 11.59 9.13 2.42
CA TYR A 116 12.29 8.08 1.64
C TYR A 116 11.95 6.63 2.05
N TRP A 117 11.94 5.69 1.08
CA TRP A 117 11.35 4.33 1.12
C TRP A 117 12.31 3.18 0.81
N GLY A 118 12.11 2.03 1.45
CA GLY A 118 12.78 0.75 1.14
C GLY A 118 12.27 0.01 -0.09
N GLN A 119 12.83 -1.17 -0.38
CA GLN A 119 12.54 -2.02 -1.56
C GLN A 119 11.44 -3.07 -1.32
N GLY A 120 11.36 -3.65 -0.12
CA GLY A 120 10.28 -4.57 0.30
C GLY A 120 10.30 -6.01 -0.24
N THR A 121 9.45 -6.87 0.32
CA THR A 121 9.39 -8.31 0.01
C THR A 121 7.99 -8.89 0.22
N ARG A 122 7.72 -10.01 -0.46
CA ARG A 122 6.53 -10.87 -0.28
C ARG A 122 6.55 -11.60 1.07
N VAL A 123 5.36 -11.82 1.61
CA VAL A 123 5.04 -12.70 2.75
C VAL A 123 3.85 -13.57 2.39
N THR A 124 3.89 -14.89 2.63
CA THR A 124 2.75 -15.79 2.34
C THR A 124 2.57 -16.91 3.35
N VAL A 125 1.32 -17.07 3.79
CA VAL A 125 0.81 -18.18 4.62
C VAL A 125 0.87 -19.48 3.82
N SER A 126 1.97 -20.21 3.97
CA SER A 126 2.43 -21.30 3.09
C SER A 126 1.87 -22.69 3.44
N SER A 127 0.66 -22.75 3.99
CA SER A 127 0.01 -23.98 4.47
C SER A 127 -0.98 -24.61 3.48
N ALA A 128 -1.40 -23.91 2.42
CA ALA A 128 -2.50 -24.33 1.56
C ALA A 128 -2.22 -25.68 0.88
N SER A 129 -3.23 -26.54 0.82
CA SER A 129 -3.20 -27.80 0.08
C SER A 129 -3.13 -27.56 -1.43
N THR A 130 -2.35 -28.37 -2.16
CA THR A 130 -2.36 -28.38 -3.63
C THR A 130 -3.76 -28.72 -4.16
N LYS A 131 -4.18 -28.08 -5.26
CA LYS A 131 -5.47 -28.30 -5.93
C LYS A 131 -5.38 -28.04 -7.44
N GLY A 132 -5.75 -29.04 -8.24
CA GLY A 132 -5.78 -28.93 -9.71
C GLY A 132 -6.94 -28.05 -10.23
N PRO A 133 -6.83 -27.56 -11.47
CA PRO A 133 -7.74 -26.56 -12.04
C PRO A 133 -9.10 -27.09 -12.53
N SER A 134 -9.98 -26.15 -12.83
CA SER A 134 -11.06 -26.29 -13.82
C SER A 134 -10.69 -25.50 -15.09
N VAL A 135 -10.92 -26.07 -16.28
CA VAL A 135 -10.47 -25.51 -17.57
C VAL A 135 -11.60 -25.43 -18.61
N PHE A 136 -11.71 -24.30 -19.34
CA PHE A 136 -12.81 -24.05 -20.29
C PHE A 136 -12.31 -23.33 -21.57
N PRO A 137 -12.56 -23.82 -22.80
CA PRO A 137 -12.08 -23.21 -24.04
C PRO A 137 -13.11 -22.27 -24.72
N LEU A 138 -12.71 -21.69 -25.86
CA LEU A 138 -13.50 -20.82 -26.74
C LEU A 138 -13.72 -21.46 -28.13
N ALA A 139 -14.85 -21.18 -28.77
CA ALA A 139 -15.15 -21.61 -30.13
C ALA A 139 -15.79 -20.44 -30.93
N PRO A 140 -15.02 -19.68 -31.72
CA PRO A 140 -15.40 -18.34 -32.18
C PRO A 140 -16.78 -18.20 -32.83
N SER A 141 -17.49 -17.12 -32.49
CA SER A 141 -18.76 -16.73 -33.11
C SER A 141 -18.55 -16.13 -34.51
N SER A 142 -19.58 -16.15 -35.36
CA SER A 142 -19.48 -15.64 -36.73
C SER A 142 -19.18 -14.14 -36.83
N LYS A 143 -19.38 -13.39 -35.75
CA LYS A 143 -19.00 -11.97 -35.63
C LYS A 143 -17.49 -11.75 -35.82
N SER A 144 -16.66 -12.75 -35.51
CA SER A 144 -15.21 -12.76 -35.79
C SER A 144 -14.83 -12.88 -37.27
N THR A 145 -15.74 -13.29 -38.16
CA THR A 145 -15.37 -13.78 -39.50
C THR A 145 -15.13 -12.69 -40.55
N SER A 146 -15.49 -11.44 -40.30
CA SER A 146 -14.92 -10.33 -41.08
C SER A 146 -13.43 -10.23 -40.74
N GLY A 147 -12.56 -10.32 -41.74
CA GLY A 147 -11.12 -10.50 -41.54
C GLY A 147 -10.71 -11.94 -41.15
N GLY A 148 -11.62 -12.91 -41.23
CA GLY A 148 -11.34 -14.35 -41.26
C GLY A 148 -10.46 -14.92 -40.15
N THR A 149 -10.57 -14.43 -38.91
CA THR A 149 -9.60 -14.75 -37.85
C THR A 149 -10.18 -15.62 -36.75
N ALA A 150 -9.71 -16.87 -36.64
CA ALA A 150 -9.95 -17.74 -35.48
C ALA A 150 -8.91 -17.46 -34.40
N ALA A 151 -9.11 -16.37 -33.67
CA ALA A 151 -8.49 -16.17 -32.37
C ALA A 151 -9.36 -16.86 -31.30
N LEU A 152 -8.81 -17.89 -30.66
CA LEU A 152 -9.50 -18.71 -29.66
C LEU A 152 -8.55 -19.06 -28.52
N GLY A 153 -9.09 -19.50 -27.40
CA GLY A 153 -8.36 -19.53 -26.14
C GLY A 153 -9.02 -20.39 -25.07
N CYS A 154 -8.54 -20.31 -23.84
CA CYS A 154 -9.14 -20.99 -22.70
C CYS A 154 -8.87 -20.29 -21.37
N LEU A 155 -9.71 -20.59 -20.37
CA LEU A 155 -9.69 -20.10 -19.00
C LEU A 155 -9.33 -21.22 -18.01
N VAL A 156 -8.41 -20.95 -17.08
CA VAL A 156 -7.98 -21.86 -16.01
C VAL A 156 -8.20 -21.17 -14.67
N LYS A 157 -9.12 -21.67 -13.83
CA LYS A 157 -9.57 -20.96 -12.61
C LYS A 157 -9.45 -21.77 -11.32
N ASP A 158 -9.22 -21.07 -10.21
CA ASP A 158 -9.33 -21.60 -8.85
C ASP A 158 -8.51 -22.87 -8.60
N TYR A 159 -7.19 -22.72 -8.71
CA TYR A 159 -6.20 -23.78 -8.51
C TYR A 159 -5.05 -23.31 -7.64
N PHE A 160 -4.28 -24.25 -7.09
CA PHE A 160 -3.08 -23.93 -6.31
C PHE A 160 -2.02 -25.04 -6.36
N PRO A 161 -0.72 -24.72 -6.27
CA PRO A 161 -0.12 -23.46 -6.68
C PRO A 161 0.05 -23.39 -8.20
N GLU A 162 0.73 -22.36 -8.68
CA GLU A 162 1.44 -22.34 -9.97
C GLU A 162 2.63 -23.33 -10.00
N PRO A 163 3.19 -23.69 -11.17
CA PRO A 163 2.90 -23.16 -12.51
C PRO A 163 2.18 -24.12 -13.47
N VAL A 164 2.00 -23.70 -14.72
CA VAL A 164 1.19 -24.38 -15.74
C VAL A 164 1.86 -24.27 -17.11
N THR A 165 1.60 -25.23 -18.00
CA THR A 165 1.96 -25.20 -19.42
C THR A 165 0.73 -25.46 -20.29
N VAL A 166 0.62 -24.76 -21.42
CA VAL A 166 -0.54 -24.82 -22.34
C VAL A 166 -0.07 -25.08 -23.77
N SER A 167 -0.87 -25.84 -24.49
CA SER A 167 -0.65 -26.32 -25.85
C SER A 167 -1.99 -26.71 -26.46
N TRP A 168 -2.04 -26.98 -27.76
CA TRP A 168 -3.29 -27.28 -28.47
C TRP A 168 -3.10 -28.39 -29.50
N ASN A 169 -4.19 -28.96 -30.01
CA ASN A 169 -4.22 -29.88 -31.14
C ASN A 169 -3.46 -31.19 -30.88
N SER A 170 -3.80 -31.92 -29.82
CA SER A 170 -3.02 -33.06 -29.30
C SER A 170 -1.61 -32.64 -28.83
N GLY A 171 -1.46 -31.37 -28.44
CA GLY A 171 -0.17 -30.72 -28.22
C GLY A 171 0.60 -30.37 -29.49
N ALA A 172 0.11 -30.72 -30.70
CA ALA A 172 0.80 -30.49 -31.96
C ALA A 172 0.77 -29.02 -32.43
N LEU A 173 -0.03 -28.16 -31.80
CA LEU A 173 -0.01 -26.70 -31.97
C LEU A 173 0.66 -26.05 -30.75
N THR A 174 1.70 -25.24 -31.04
CA THR A 174 2.60 -24.64 -30.05
C THR A 174 3.01 -23.20 -30.38
N SER A 175 3.21 -22.85 -31.66
CA SER A 175 3.55 -21.48 -32.08
C SER A 175 2.36 -20.52 -32.07
N GLY A 176 2.59 -19.26 -31.69
CA GLY A 176 1.57 -18.21 -31.60
C GLY A 176 0.64 -18.30 -30.38
N VAL A 177 0.88 -19.26 -29.47
CA VAL A 177 0.15 -19.41 -28.20
C VAL A 177 0.61 -18.36 -27.20
N HIS A 178 -0.30 -17.52 -26.69
CA HIS A 178 0.01 -16.50 -25.69
C HIS A 178 0.13 -17.04 -24.28
N THR A 179 0.88 -16.33 -23.44
CA THR A 179 1.18 -16.71 -22.05
C THR A 179 0.76 -15.63 -21.05
N PHE A 180 0.25 -16.07 -19.89
CA PHE A 180 -0.47 -15.26 -18.91
C PHE A 180 0.04 -15.57 -17.49
N PRO A 181 1.07 -14.88 -16.98
CA PRO A 181 1.58 -15.11 -15.62
C PRO A 181 0.45 -15.03 -14.61
N ALA A 182 0.27 -16.06 -13.78
CA ALA A 182 -0.96 -16.18 -13.00
C ALA A 182 -1.07 -15.15 -11.88
N VAL A 183 -2.30 -14.85 -11.49
CA VAL A 183 -2.59 -13.92 -10.40
C VAL A 183 -3.59 -14.50 -9.40
N LEU A 184 -3.34 -14.25 -8.12
CA LEU A 184 -4.19 -14.69 -7.03
C LEU A 184 -5.45 -13.84 -6.92
N GLN A 185 -6.52 -14.46 -6.43
CA GLN A 185 -7.89 -13.92 -6.38
C GLN A 185 -8.55 -14.17 -5.03
N SER A 186 -9.71 -13.55 -4.79
CA SER A 186 -10.44 -13.55 -3.50
C SER A 186 -11.09 -14.89 -3.11
N SER A 187 -11.10 -15.89 -4.00
CA SER A 187 -11.27 -17.31 -3.61
C SER A 187 -10.10 -17.84 -2.76
N GLY A 188 -8.95 -17.16 -2.80
CA GLY A 188 -7.68 -17.54 -2.19
C GLY A 188 -6.70 -18.23 -3.14
N LEU A 189 -6.98 -18.23 -4.46
CA LEU A 189 -6.41 -19.17 -5.44
C LEU A 189 -5.88 -18.49 -6.71
N TYR A 190 -5.06 -19.20 -7.49
CA TYR A 190 -4.53 -18.72 -8.77
C TYR A 190 -5.56 -18.76 -9.91
N SER A 191 -5.27 -17.97 -10.95
CA SER A 191 -6.04 -17.88 -12.20
C SER A 191 -5.14 -17.47 -13.38
N LEU A 192 -5.44 -17.96 -14.59
CA LEU A 192 -4.82 -17.56 -15.87
C LEU A 192 -5.66 -17.98 -17.07
N SER A 193 -5.27 -17.57 -18.27
CA SER A 193 -5.90 -17.98 -19.53
C SER A 193 -4.86 -18.09 -20.65
N SER A 194 -5.27 -18.40 -21.88
CA SER A 194 -4.40 -18.35 -23.07
C SER A 194 -5.22 -18.09 -24.32
N VAL A 195 -4.59 -17.57 -25.39
CA VAL A 195 -5.20 -17.33 -26.70
C VAL A 195 -4.19 -17.65 -27.81
N VAL A 196 -4.66 -18.17 -28.95
CA VAL A 196 -3.88 -18.54 -30.13
C VAL A 196 -4.68 -18.27 -31.41
N THR A 197 -4.03 -18.09 -32.55
CA THR A 197 -4.65 -17.49 -33.74
C THR A 197 -4.36 -18.25 -35.05
N VAL A 198 -5.40 -18.59 -35.82
CA VAL A 198 -5.34 -19.31 -37.12
C VAL A 198 -6.40 -18.77 -38.10
N PRO A 199 -6.39 -19.10 -39.41
CA PRO A 199 -7.47 -18.72 -40.33
C PRO A 199 -8.82 -19.31 -39.93
N SER A 200 -9.91 -18.56 -40.10
CA SER A 200 -11.26 -19.02 -39.73
C SER A 200 -11.74 -20.25 -40.52
N SER A 201 -11.24 -20.46 -41.74
CA SER A 201 -11.62 -21.58 -42.61
C SER A 201 -11.35 -22.95 -41.98
N SER A 202 -10.39 -23.09 -41.06
CA SER A 202 -10.07 -24.36 -40.41
C SER A 202 -10.92 -24.67 -39.18
N LEU A 203 -11.75 -23.75 -38.68
CA LEU A 203 -12.54 -24.00 -37.47
C LEU A 203 -13.45 -25.23 -37.63
N GLY A 204 -13.44 -26.11 -36.64
CA GLY A 204 -14.16 -27.40 -36.65
C GLY A 204 -13.69 -28.42 -37.71
N THR A 205 -12.70 -28.09 -38.53
CA THR A 205 -12.25 -28.86 -39.71
C THR A 205 -11.15 -29.87 -39.37
N GLN A 206 -10.49 -29.69 -38.23
CA GLN A 206 -9.28 -30.42 -37.79
C GLN A 206 -9.41 -30.81 -36.30
N THR A 207 -8.47 -31.61 -35.80
CA THR A 207 -8.38 -32.01 -34.37
C THR A 207 -8.00 -30.81 -33.49
N TYR A 208 -8.97 -29.95 -33.19
CA TYR A 208 -8.76 -28.72 -32.41
C TYR A 208 -9.27 -28.93 -30.98
N ILE A 209 -8.37 -28.67 -30.05
CA ILE A 209 -8.47 -29.17 -28.68
C ILE A 209 -7.46 -28.42 -27.81
N CYS A 210 -7.92 -27.96 -26.65
CA CYS A 210 -7.15 -27.36 -25.58
C CYS A 210 -6.36 -28.46 -24.84
N ASN A 211 -5.05 -28.32 -24.64
CA ASN A 211 -4.18 -29.31 -23.99
C ASN A 211 -3.26 -28.65 -22.93
N VAL A 212 -3.49 -28.93 -21.64
CA VAL A 212 -2.91 -28.21 -20.49
C VAL A 212 -2.23 -29.15 -19.50
N ASN A 213 -1.15 -28.73 -18.83
CA ASN A 213 -0.57 -29.42 -17.68
C ASN A 213 -0.41 -28.51 -16.45
N HIS A 214 -0.98 -28.91 -15.30
CA HIS A 214 -0.79 -28.28 -14.00
C HIS A 214 0.42 -28.87 -13.29
N LYS A 215 1.58 -28.21 -13.37
CA LYS A 215 2.88 -28.80 -12.97
C LYS A 215 2.98 -29.24 -11.50
N PRO A 216 2.34 -28.58 -10.51
CA PRO A 216 2.36 -29.06 -9.12
C PRO A 216 1.66 -30.38 -8.87
N SER A 217 0.74 -30.80 -9.75
CA SER A 217 0.24 -32.19 -9.79
C SER A 217 0.78 -33.00 -10.97
N ASN A 218 1.40 -32.34 -11.94
CA ASN A 218 1.70 -32.83 -13.29
C ASN A 218 0.50 -33.43 -14.03
N THR A 219 -0.73 -33.08 -13.64
CA THR A 219 -1.94 -33.61 -14.30
C THR A 219 -2.15 -32.97 -15.67
N LYS A 220 -2.36 -33.79 -16.71
CA LYS A 220 -2.82 -33.31 -18.02
C LYS A 220 -4.34 -33.12 -18.01
N VAL A 221 -4.81 -32.02 -18.60
CA VAL A 221 -6.21 -31.61 -18.67
C VAL A 221 -6.52 -31.13 -20.09
N ASP A 222 -7.68 -31.50 -20.65
CA ASP A 222 -8.00 -31.26 -22.06
C ASP A 222 -9.48 -30.99 -22.32
N LYS A 223 -9.80 -30.21 -23.37
CA LYS A 223 -11.18 -29.93 -23.84
C LYS A 223 -11.23 -29.71 -25.35
N ARG A 224 -12.19 -30.29 -26.08
CA ARG A 224 -12.30 -30.23 -27.56
C ARG A 224 -13.08 -29.03 -28.10
N VAL A 225 -12.88 -28.72 -29.38
CA VAL A 225 -13.56 -27.66 -30.16
C VAL A 225 -14.20 -28.24 -31.41
N GLU A 226 -15.39 -27.74 -31.78
CA GLU A 226 -16.27 -28.26 -32.84
C GLU A 226 -16.96 -27.12 -33.63
N PRO A 227 -17.35 -27.33 -34.89
CA PRO A 227 -17.92 -26.28 -35.74
C PRO A 227 -19.25 -25.72 -35.20
N GLN B 1 -15.03 18.10 6.47
CA GLN B 1 -13.99 18.49 5.47
C GLN B 1 -13.53 17.26 4.69
N SER B 2 -13.69 17.27 3.36
CA SER B 2 -13.18 16.25 2.44
C SER B 2 -12.87 16.86 1.08
N VAL B 3 -11.59 17.06 0.75
CA VAL B 3 -11.19 18.16 -0.16
C VAL B 3 -10.23 17.79 -1.29
N LEU B 4 -9.38 16.78 -1.15
CA LEU B 4 -8.54 16.33 -2.26
C LEU B 4 -9.32 15.45 -3.25
N THR B 5 -8.89 15.42 -4.50
CA THR B 5 -9.36 14.55 -5.58
C THR B 5 -8.18 14.29 -6.52
N GLN B 6 -8.16 13.16 -7.26
CA GLN B 6 -7.03 12.75 -8.10
C GLN B 6 -7.46 12.51 -9.56
N PRO B 7 -7.77 13.57 -10.33
CA PRO B 7 -8.46 13.48 -11.62
C PRO B 7 -7.67 13.41 -12.95
N PRO B 8 -6.38 13.79 -13.10
CA PRO B 8 -5.88 14.32 -14.38
C PRO B 8 -5.76 13.31 -15.53
N SER B 9 -5.49 12.03 -15.24
CA SER B 9 -5.68 10.90 -16.19
C SER B 9 -4.95 11.00 -17.55
N ALA B 10 -3.81 11.66 -17.61
CA ALA B 10 -3.15 12.03 -18.86
C ALA B 10 -2.41 10.88 -19.56
N SER B 11 -2.13 11.06 -20.86
CA SER B 11 -1.10 10.32 -21.59
C SER B 11 -0.58 11.13 -22.76
N GLY B 12 0.70 11.01 -23.10
CA GLY B 12 1.36 11.82 -24.13
C GLY B 12 2.58 11.12 -24.72
N ALA B 13 2.94 11.42 -25.95
CA ALA B 13 4.10 10.80 -26.58
C ALA B 13 5.41 11.12 -25.84
N PRO B 14 6.47 10.31 -26.03
CA PRO B 14 7.79 10.58 -25.47
C PRO B 14 8.27 12.02 -25.68
N GLY B 15 8.95 12.59 -24.69
CA GLY B 15 9.51 13.94 -24.75
C GLY B 15 8.50 15.10 -24.56
N GLN B 16 7.18 14.86 -24.62
CA GLN B 16 6.16 15.90 -24.49
C GLN B 16 6.12 16.56 -23.08
N ARG B 17 5.36 17.65 -22.95
CA ARG B 17 4.91 18.20 -21.66
C ARG B 17 3.52 17.69 -21.25
N VAL B 18 3.28 17.60 -19.94
CA VAL B 18 1.96 17.28 -19.37
C VAL B 18 1.74 18.05 -18.07
N THR B 19 0.51 18.50 -17.83
CA THR B 19 0.06 19.11 -16.57
C THR B 19 -0.83 18.15 -15.80
N ILE B 20 -0.58 18.00 -14.50
CA ILE B 20 -1.17 16.99 -13.61
C ILE B 20 -1.61 17.72 -12.32
N SER B 21 -2.85 17.55 -11.85
CA SER B 21 -3.37 18.40 -10.77
C SER B 21 -4.48 17.79 -9.92
N CYS B 22 -4.59 18.24 -8.67
CA CYS B 22 -5.44 17.67 -7.60
C CYS B 22 -6.05 18.78 -6.72
N SER B 23 -7.27 18.61 -6.23
CA SER B 23 -7.92 19.64 -5.39
C SER B 23 -7.40 19.64 -3.94
N GLY B 24 -7.81 20.61 -3.12
CA GLY B 24 -7.58 20.60 -1.67
C GLY B 24 -8.14 21.83 -0.94
N SER B 25 -7.67 22.11 0.27
CA SER B 25 -8.15 23.25 1.08
C SER B 25 -7.08 23.87 1.99
N ASN B 26 -7.31 25.11 2.38
CA ASN B 26 -6.34 25.99 3.04
C ASN B 26 -6.00 25.63 4.49
N SER B 27 -6.79 24.78 5.17
CA SER B 27 -6.38 24.13 6.43
C SER B 27 -5.15 23.25 6.22
N ASN B 28 -4.97 22.77 4.99
CA ASN B 28 -4.07 21.70 4.65
C ASN B 28 -2.96 22.21 3.73
N ILE B 29 -3.28 22.62 2.51
CA ILE B 29 -2.29 22.90 1.46
C ILE B 29 -1.28 23.96 1.89
N GLY B 30 -1.70 25.01 2.59
CA GLY B 30 -0.79 26.06 3.07
C GLY B 30 0.32 25.54 3.99
N THR B 31 0.10 24.39 4.63
CA THR B 31 1.05 23.75 5.55
C THR B 31 2.14 22.92 4.88
N TYR B 32 2.13 22.73 3.55
CA TYR B 32 3.11 21.88 2.84
C TYR B 32 3.73 22.57 1.62
N PHE B 33 4.91 22.09 1.23
CA PHE B 33 5.55 22.32 -0.06
C PHE B 33 5.86 20.97 -0.71
N VAL B 34 5.84 20.91 -2.04
CA VAL B 34 5.52 19.69 -2.82
C VAL B 34 6.36 18.44 -2.54
N TYR B 35 5.70 17.28 -2.38
CA TYR B 35 6.25 15.93 -2.55
C TYR B 35 5.18 14.92 -2.98
N TRP B 36 5.44 14.15 -4.06
CA TRP B 36 4.56 13.15 -4.70
C TRP B 36 5.30 11.80 -4.99
N TYR B 37 4.59 10.73 -5.37
CA TYR B 37 5.14 9.38 -5.65
C TYR B 37 4.95 8.82 -7.06
N GLN B 38 5.97 8.10 -7.57
CA GLN B 38 5.99 7.43 -8.89
C GLN B 38 6.33 5.95 -8.75
N GLN B 39 5.72 5.08 -9.56
CA GLN B 39 5.80 3.62 -9.48
C GLN B 39 5.87 2.95 -10.88
N LEU B 40 7.05 2.53 -11.34
CA LEU B 40 7.18 1.71 -12.57
C LEU B 40 6.47 0.35 -12.40
N PRO B 41 5.99 -0.29 -13.49
CA PRO B 41 5.51 -1.66 -13.43
C PRO B 41 6.56 -2.62 -12.86
N GLY B 42 6.15 -3.54 -11.98
CA GLY B 42 7.07 -4.51 -11.37
C GLY B 42 8.04 -3.92 -10.34
N THR B 43 7.67 -2.83 -9.65
CA THR B 43 8.54 -2.14 -8.68
C THR B 43 7.84 -1.73 -7.40
N ALA B 44 8.62 -1.39 -6.37
CA ALA B 44 8.14 -0.65 -5.19
C ALA B 44 8.09 0.88 -5.45
N PRO B 45 7.15 1.64 -4.85
CA PRO B 45 7.01 3.09 -5.04
C PRO B 45 8.25 3.96 -4.72
N LYS B 46 8.36 5.12 -5.36
CA LYS B 46 9.59 5.94 -5.40
C LYS B 46 9.36 7.44 -5.25
N VAL B 47 10.44 8.13 -4.89
CA VAL B 47 10.61 9.59 -4.74
C VAL B 47 10.36 10.35 -6.04
N LEU B 48 9.72 11.52 -5.96
CA LEU B 48 9.70 12.48 -7.06
C LEU B 48 10.43 13.79 -6.80
N ILE B 49 10.07 14.54 -5.76
CA ILE B 49 10.33 15.98 -5.75
C ILE B 49 10.31 16.55 -4.33
N TYR B 50 11.01 17.65 -4.10
CA TYR B 50 11.22 18.23 -2.77
C TYR B 50 11.70 19.69 -2.91
N ARG B 51 11.86 20.42 -1.81
CA ARG B 51 12.35 21.83 -1.83
C ARG B 51 11.61 22.67 -2.86
N ASN B 52 10.29 22.55 -2.83
CA ASN B 52 9.34 23.22 -3.71
C ASN B 52 9.33 22.68 -5.17
N ASP B 53 10.47 22.30 -5.78
CA ASP B 53 10.52 21.81 -7.18
C ASP B 53 11.73 20.91 -7.57
N GLN B 54 12.64 20.61 -6.65
CA GLN B 54 13.89 19.90 -6.91
C GLN B 54 13.67 18.40 -7.08
N ARG B 55 14.27 17.78 -8.10
CA ARG B 55 14.25 16.31 -8.35
C ARG B 55 15.48 15.59 -7.80
N PRO B 56 15.43 14.26 -7.56
CA PRO B 56 16.46 13.47 -6.88
C PRO B 56 17.90 13.58 -7.38
N SER B 57 18.84 13.20 -6.50
CA SER B 57 20.26 12.93 -6.77
C SER B 57 20.45 11.71 -7.69
N GLY B 58 19.94 11.81 -8.91
CA GLY B 58 19.77 10.72 -9.86
C GLY B 58 18.85 11.05 -11.05
N VAL B 59 18.08 12.14 -11.01
CA VAL B 59 17.24 12.60 -12.13
C VAL B 59 17.23 14.14 -12.25
N PRO B 60 17.09 14.71 -13.47
CA PRO B 60 17.03 16.16 -13.65
C PRO B 60 15.70 16.76 -13.20
N ASP B 61 15.66 18.08 -13.10
CA ASP B 61 14.48 18.90 -12.76
C ASP B 61 13.44 19.01 -13.90
N ARG B 62 13.16 17.91 -14.61
CA ARG B 62 12.15 17.79 -15.69
C ARG B 62 10.74 18.15 -15.25
N ILE B 63 10.52 18.24 -13.93
CA ILE B 63 9.25 18.45 -13.26
C ILE B 63 9.29 19.82 -12.55
N SER B 64 8.15 20.51 -12.55
CA SER B 64 7.89 21.62 -11.63
C SER B 64 6.73 21.27 -10.71
N GLY B 65 6.94 21.28 -9.40
CA GLY B 65 5.85 21.22 -8.43
C GLY B 65 5.21 22.59 -8.26
N SER B 66 3.92 22.64 -7.92
CA SER B 66 3.19 23.90 -7.73
C SER B 66 1.92 23.71 -6.90
N LYS B 67 1.32 24.82 -6.46
CA LYS B 67 0.06 24.81 -5.70
C LYS B 67 -0.65 26.15 -5.83
N SER B 68 -1.95 26.19 -5.54
CA SER B 68 -2.73 27.43 -5.48
C SER B 68 -4.01 27.23 -4.67
N GLY B 69 -4.08 27.89 -3.51
CA GLY B 69 -5.27 27.93 -2.66
C GLY B 69 -5.89 26.55 -2.45
N THR B 70 -7.12 26.37 -2.92
CA THR B 70 -7.88 25.11 -2.87
C THR B 70 -7.41 24.04 -3.86
N SER B 71 -6.14 24.03 -4.29
CA SER B 71 -5.59 23.07 -5.24
C SER B 71 -4.07 22.89 -5.15
N ALA B 72 -3.59 21.72 -5.57
CA ALA B 72 -2.20 21.29 -5.64
C ALA B 72 -1.88 20.73 -7.02
N SER B 73 -0.67 20.88 -7.52
CA SER B 73 -0.41 20.65 -8.94
C SER B 73 1.05 20.40 -9.28
N LEU B 74 1.28 19.93 -10.49
CA LEU B 74 2.57 19.57 -10.99
C LEU B 74 2.54 19.61 -12.51
N ALA B 75 3.70 19.77 -13.13
CA ALA B 75 3.84 19.63 -14.56
C ALA B 75 5.19 19.05 -14.89
N ILE B 76 5.29 18.42 -16.05
CA ILE B 76 6.48 17.68 -16.47
C ILE B 76 6.80 18.03 -17.92
N SER B 77 8.06 17.86 -18.29
CA SER B 77 8.63 18.12 -19.60
C SER B 77 9.66 17.05 -19.94
N GLY B 78 9.93 16.76 -21.22
CA GLY B 78 10.91 15.75 -21.60
C GLY B 78 10.60 14.34 -21.05
N LEU B 79 9.32 13.94 -21.01
CA LEU B 79 8.87 12.68 -20.40
C LEU B 79 9.53 11.43 -20.99
N ARG B 80 9.72 10.40 -20.16
CA ARG B 80 10.55 9.21 -20.44
C ARG B 80 9.88 7.91 -20.00
N SER B 81 10.35 6.78 -20.48
CA SER B 81 9.90 5.43 -20.11
C SER B 81 9.77 5.18 -18.60
N GLU B 82 10.71 5.66 -17.78
CA GLU B 82 10.61 5.57 -16.32
C GLU B 82 9.46 6.38 -15.71
N ASP B 83 8.85 7.25 -16.49
CA ASP B 83 7.64 7.97 -16.12
C ASP B 83 6.36 7.21 -16.48
N GLU B 84 6.46 6.08 -17.19
CA GLU B 84 5.33 5.17 -17.32
C GLU B 84 4.94 4.64 -15.94
N ALA B 85 3.82 5.10 -15.39
CA ALA B 85 3.51 4.82 -14.00
C ALA B 85 2.05 5.10 -13.60
N ASP B 86 1.71 4.64 -12.41
CA ASP B 86 0.64 5.20 -11.62
C ASP B 86 1.25 6.23 -10.65
N TYR B 87 0.65 7.41 -10.53
CA TYR B 87 1.16 8.53 -9.72
C TYR B 87 0.26 8.85 -8.54
N TYR B 88 0.83 9.07 -7.36
CA TYR B 88 0.07 9.39 -6.17
C TYR B 88 0.55 10.70 -5.53
N CYS B 89 -0.34 11.66 -5.36
CA CYS B 89 -0.06 12.99 -4.80
C CYS B 89 -0.16 13.02 -3.26
N ALA B 90 0.02 11.88 -2.61
CA ALA B 90 -0.51 11.56 -1.29
C ALA B 90 0.07 12.36 -0.09
N SER B 91 -0.47 12.10 1.11
CA SER B 91 0.04 12.62 2.40
C SER B 91 0.23 11.52 3.49
N TRP B 92 0.54 10.27 3.09
CA TRP B 92 1.02 9.17 3.97
C TRP B 92 0.06 8.73 5.07
N ASP B 93 -1.24 8.90 4.89
CA ASP B 93 -2.25 8.63 5.91
C ASP B 93 -3.62 8.41 5.26
N ALA B 94 -4.57 7.87 6.01
CA ALA B 94 -5.97 7.78 5.64
C ALA B 94 -6.82 8.85 6.38
N SER B 95 -6.53 9.11 7.66
CA SER B 95 -7.25 10.06 8.55
C SER B 95 -8.78 10.11 8.36
N LEU B 96 -9.40 11.30 8.44
CA LEU B 96 -10.86 11.52 8.39
C LEU B 96 -11.38 11.91 6.98
N ARG B 97 -10.61 12.66 6.19
CA ARG B 97 -11.02 13.17 4.86
C ARG B 97 -11.15 12.03 3.84
N GLY B 98 -12.00 12.17 2.83
CA GLY B 98 -12.24 11.10 1.85
C GLY B 98 -10.99 10.72 1.05
N TYR B 99 -10.17 11.70 0.70
CA TYR B 99 -8.84 11.51 0.11
C TYR B 99 -7.77 11.97 1.12
N VAL B 100 -6.80 11.10 1.45
CA VAL B 100 -5.56 11.41 2.22
C VAL B 100 -4.33 10.61 1.71
N PHE B 101 -4.54 9.42 1.14
CA PHE B 101 -3.59 8.79 0.20
C PHE B 101 -4.15 8.70 -1.23
N GLY B 102 -5.35 8.16 -1.42
CA GLY B 102 -6.11 8.19 -2.68
C GLY B 102 -5.71 7.16 -3.75
N PRO B 103 -6.52 6.99 -4.81
CA PRO B 103 -6.41 5.92 -5.81
C PRO B 103 -5.17 5.96 -6.70
N GLY B 104 -4.43 7.06 -6.70
CA GLY B 104 -3.41 7.32 -7.70
C GLY B 104 -4.03 7.86 -9.00
N THR B 105 -3.31 7.76 -10.10
CA THR B 105 -3.74 8.17 -11.44
C THR B 105 -2.82 7.51 -12.47
N LYS B 106 -3.38 6.68 -13.36
CA LYS B 106 -2.62 6.10 -14.47
C LYS B 106 -2.15 7.18 -15.41
N VAL B 107 -0.86 7.19 -15.73
CA VAL B 107 -0.31 8.07 -16.77
C VAL B 107 0.65 7.31 -17.66
N THR B 108 0.57 7.55 -18.96
CA THR B 108 1.31 6.77 -19.95
C THR B 108 2.08 7.61 -20.95
N VAL B 109 3.33 7.23 -21.16
CA VAL B 109 4.14 7.65 -22.30
C VAL B 109 3.74 6.83 -23.52
N LEU B 110 3.07 7.48 -24.46
CA LEU B 110 2.52 6.90 -25.68
C LEU B 110 3.62 6.63 -26.72
N GLY B 111 4.46 5.62 -26.45
CA GLY B 111 5.42 5.08 -27.42
C GLY B 111 4.78 4.30 -28.58
N GLN B 112 3.46 4.28 -28.63
CA GLN B 112 2.59 3.71 -29.67
C GLN B 112 1.44 4.69 -29.94
N PRO B 113 0.76 4.61 -31.09
CA PRO B 113 -0.44 5.39 -31.35
C PRO B 113 -1.59 4.98 -30.42
N LYS B 114 -2.54 5.89 -30.16
CA LYS B 114 -3.76 5.63 -29.41
C LYS B 114 -4.78 4.83 -30.23
N ALA B 115 -4.40 3.64 -30.69
CA ALA B 115 -5.25 2.79 -31.51
C ALA B 115 -6.50 2.32 -30.73
N ALA B 116 -7.66 2.42 -31.37
CA ALA B 116 -8.94 2.04 -30.79
C ALA B 116 -9.14 0.51 -30.77
N PRO B 117 -9.88 -0.04 -29.78
CA PRO B 117 -10.09 -1.47 -29.61
C PRO B 117 -10.94 -2.13 -30.70
N SER B 118 -10.55 -3.35 -31.07
CA SER B 118 -11.45 -4.36 -31.64
C SER B 118 -12.30 -4.99 -30.54
N VAL B 119 -13.56 -5.32 -30.83
CA VAL B 119 -14.46 -6.05 -29.94
C VAL B 119 -15.17 -7.16 -30.73
N THR B 120 -15.28 -8.35 -30.14
CA THR B 120 -16.09 -9.46 -30.67
C THR B 120 -16.58 -10.32 -29.51
N LEU B 121 -17.72 -10.98 -29.66
CA LEU B 121 -18.49 -11.50 -28.53
C LEU B 121 -18.73 -13.01 -28.67
N PHE B 122 -18.76 -13.78 -27.57
CA PHE B 122 -18.88 -15.23 -27.60
C PHE B 122 -19.99 -15.78 -26.69
N PRO B 123 -21.20 -15.95 -27.25
CA PRO B 123 -22.14 -16.96 -26.79
C PRO B 123 -21.68 -18.34 -27.31
N PRO B 124 -21.53 -19.37 -26.48
CA PRO B 124 -21.29 -20.75 -26.93
C PRO B 124 -22.49 -21.34 -27.66
N SER B 125 -22.31 -22.51 -28.26
CA SER B 125 -23.40 -23.31 -28.81
C SER B 125 -24.29 -23.94 -27.73
N SER B 126 -25.49 -24.31 -28.15
CA SER B 126 -26.34 -25.21 -27.37
C SER B 126 -25.66 -26.57 -27.17
N GLU B 127 -24.79 -26.97 -28.08
CA GLU B 127 -24.01 -28.21 -28.00
C GLU B 127 -22.95 -28.16 -26.88
N GLU B 128 -22.49 -26.96 -26.50
CA GLU B 128 -21.72 -26.72 -25.28
C GLU B 128 -22.62 -26.59 -24.03
N LEU B 129 -23.84 -26.03 -24.16
CA LEU B 129 -24.81 -25.92 -23.05
C LEU B 129 -25.28 -27.26 -22.49
N GLN B 130 -25.40 -28.28 -23.35
CA GLN B 130 -25.81 -29.63 -22.97
C GLN B 130 -24.92 -30.30 -21.90
N ALA B 131 -23.71 -29.77 -21.64
CA ALA B 131 -22.83 -30.23 -20.56
C ALA B 131 -23.03 -29.46 -19.21
N ASN B 132 -23.92 -28.47 -19.16
CA ASN B 132 -24.09 -27.47 -18.08
C ASN B 132 -22.89 -26.52 -17.84
N LYS B 133 -21.69 -26.85 -18.33
CA LYS B 133 -20.45 -26.08 -18.09
C LYS B 133 -20.37 -24.75 -18.84
N ALA B 134 -21.22 -24.54 -19.85
CA ALA B 134 -21.12 -23.43 -20.76
C ALA B 134 -21.17 -22.05 -20.07
N THR B 135 -20.52 -21.08 -20.69
CA THR B 135 -20.15 -19.79 -20.08
C THR B 135 -20.25 -18.68 -21.12
N LEU B 136 -20.85 -17.54 -20.80
CA LEU B 136 -20.98 -16.40 -21.74
C LEU B 136 -19.76 -15.48 -21.64
N VAL B 137 -19.31 -14.92 -22.76
CA VAL B 137 -17.96 -14.31 -22.89
C VAL B 137 -17.95 -13.06 -23.79
N CYS B 138 -17.08 -12.11 -23.47
CA CYS B 138 -16.69 -11.02 -24.37
C CYS B 138 -15.18 -10.95 -24.52
N LEU B 139 -14.72 -10.58 -25.73
CA LEU B 139 -13.32 -10.41 -26.08
C LEU B 139 -13.07 -9.00 -26.62
N ILE B 140 -11.96 -8.39 -26.20
CA ILE B 140 -11.53 -7.07 -26.64
C ILE B 140 -10.05 -7.16 -27.00
N SER B 141 -9.60 -6.52 -28.07
CA SER B 141 -8.20 -6.60 -28.48
C SER B 141 -7.70 -5.36 -29.20
N ASP B 142 -6.38 -5.24 -29.26
CA ASP B 142 -5.66 -4.32 -30.13
C ASP B 142 -5.85 -2.83 -29.75
N PHE B 143 -5.53 -2.47 -28.50
CA PHE B 143 -5.71 -1.12 -27.99
C PHE B 143 -4.53 -0.55 -27.19
N TYR B 144 -4.55 0.77 -27.06
CA TYR B 144 -3.95 1.59 -26.00
C TYR B 144 -4.91 2.75 -25.70
N PRO B 145 -4.94 3.34 -24.50
CA PRO B 145 -4.18 2.96 -23.31
C PRO B 145 -4.73 1.70 -22.64
N GLY B 146 -4.01 1.18 -21.64
CA GLY B 146 -4.28 -0.13 -21.05
C GLY B 146 -5.50 -0.20 -20.12
N ALA B 147 -6.08 0.93 -19.73
CA ALA B 147 -7.09 0.99 -18.67
C ALA B 147 -8.53 0.59 -19.08
N VAL B 148 -8.71 -0.23 -20.12
CA VAL B 148 -10.04 -0.74 -20.55
C VAL B 148 -10.81 -1.30 -19.36
N THR B 149 -12.11 -1.01 -19.26
CA THR B 149 -12.91 -1.34 -18.09
C THR B 149 -14.32 -1.74 -18.49
N VAL B 150 -14.89 -2.74 -17.82
CA VAL B 150 -16.07 -3.48 -18.31
C VAL B 150 -17.01 -3.82 -17.16
N ALA B 151 -18.32 -3.82 -17.41
CA ALA B 151 -19.34 -4.15 -16.40
C ALA B 151 -20.55 -4.86 -17.01
N TRP B 152 -20.67 -6.17 -16.75
CA TRP B 152 -21.78 -6.99 -17.23
C TRP B 152 -23.09 -6.73 -16.50
N LYS B 153 -24.18 -6.98 -17.21
CA LYS B 153 -25.57 -6.91 -16.77
C LYS B 153 -26.34 -8.15 -17.26
N ALA B 154 -27.07 -8.80 -16.37
CA ALA B 154 -28.04 -9.84 -16.68
C ALA B 154 -29.30 -9.16 -17.24
N ASP B 155 -29.45 -9.20 -18.57
CA ASP B 155 -30.16 -8.18 -19.33
C ASP B 155 -29.77 -6.78 -18.85
N SER B 156 -30.57 -6.14 -17.99
CA SER B 156 -30.33 -4.80 -17.41
C SER B 156 -29.65 -4.77 -16.04
N SER B 157 -29.59 -5.86 -15.27
CA SER B 157 -29.11 -5.85 -13.88
C SER B 157 -27.60 -6.08 -13.75
N PRO B 158 -26.77 -5.12 -13.30
CA PRO B 158 -25.31 -5.32 -13.15
C PRO B 158 -24.96 -6.53 -12.28
N VAL B 159 -24.00 -7.36 -12.72
CA VAL B 159 -23.80 -8.73 -12.18
C VAL B 159 -22.66 -8.88 -11.16
N LYS B 160 -22.70 -9.99 -10.41
CA LYS B 160 -21.61 -10.49 -9.54
C LYS B 160 -21.62 -12.02 -9.38
N ALA B 161 -22.76 -12.69 -9.55
CA ALA B 161 -22.84 -14.15 -9.65
C ALA B 161 -22.18 -14.68 -10.95
N GLY B 162 -21.43 -15.78 -10.87
CA GLY B 162 -20.80 -16.43 -12.02
C GLY B 162 -19.63 -15.67 -12.66
N VAL B 163 -19.27 -14.50 -12.15
CA VAL B 163 -18.28 -13.58 -12.73
C VAL B 163 -16.87 -14.10 -12.64
N GLU B 164 -16.14 -14.00 -13.75
CA GLU B 164 -14.69 -13.90 -13.78
C GLU B 164 -14.24 -12.81 -14.75
N THR B 165 -13.20 -12.07 -14.38
CA THR B 165 -12.61 -10.98 -15.16
C THR B 165 -11.11 -11.14 -15.17
N THR B 166 -10.59 -11.74 -16.24
CA THR B 166 -9.18 -12.13 -16.33
C THR B 166 -8.23 -10.94 -16.35
N THR B 167 -6.96 -11.18 -16.07
CA THR B 167 -5.92 -10.24 -16.49
C THR B 167 -5.97 -10.03 -18.00
N PRO B 168 -5.75 -8.80 -18.49
CA PRO B 168 -5.39 -8.57 -19.88
C PRO B 168 -4.13 -9.35 -20.28
N SER B 169 -3.94 -9.50 -21.58
CA SER B 169 -2.68 -9.93 -22.18
C SER B 169 -2.14 -8.86 -23.10
N LYS B 170 -0.84 -8.60 -23.02
CA LYS B 170 -0.10 -8.00 -24.12
C LYS B 170 -0.12 -9.01 -25.26
N GLN B 171 -0.64 -8.64 -26.43
CA GLN B 171 -0.66 -9.48 -27.63
C GLN B 171 0.74 -9.64 -28.24
N SER B 172 0.91 -10.54 -29.20
CA SER B 172 2.16 -10.66 -29.96
C SER B 172 2.44 -9.45 -30.87
N ASN B 173 1.43 -8.63 -31.17
CA ASN B 173 1.60 -7.28 -31.72
C ASN B 173 1.95 -6.21 -30.66
N ASN B 174 1.98 -6.58 -29.38
CA ASN B 174 2.25 -5.75 -28.21
C ASN B 174 1.29 -4.57 -27.97
N LYS B 175 0.09 -4.62 -28.58
CA LYS B 175 -1.11 -3.97 -28.04
C LYS B 175 -1.70 -4.81 -26.93
N TYR B 176 -2.64 -4.30 -26.14
CA TYR B 176 -3.33 -5.12 -25.14
C TYR B 176 -4.61 -5.76 -25.69
N ALA B 177 -5.05 -6.83 -25.03
CA ALA B 177 -6.32 -7.52 -25.23
C ALA B 177 -6.84 -8.05 -23.89
N ALA B 178 -8.15 -8.16 -23.72
CA ALA B 178 -8.78 -8.47 -22.44
C ALA B 178 -10.10 -9.21 -22.64
N SER B 179 -10.50 -10.02 -21.68
CA SER B 179 -11.69 -10.86 -21.82
C SER B 179 -12.35 -11.24 -20.50
N SER B 180 -13.65 -11.49 -20.56
CA SER B 180 -14.49 -11.77 -19.40
C SER B 180 -15.30 -13.04 -19.61
N TYR B 181 -15.58 -13.73 -18.52
CA TYR B 181 -16.28 -15.02 -18.52
C TYR B 181 -17.37 -15.02 -17.45
N LEU B 182 -18.55 -15.52 -17.81
CA LEU B 182 -19.72 -15.57 -16.95
C LEU B 182 -20.31 -16.98 -16.96
N SER B 183 -19.88 -17.80 -16.00
CA SER B 183 -20.30 -19.20 -15.87
C SER B 183 -21.64 -19.27 -15.14
N LEU B 184 -22.60 -19.92 -15.78
CA LEU B 184 -24.00 -19.84 -15.41
C LEU B 184 -24.70 -21.19 -15.63
N THR B 185 -25.74 -21.45 -14.84
CA THR B 185 -26.67 -22.55 -15.10
C THR B 185 -27.48 -22.28 -16.37
N PRO B 186 -27.98 -23.31 -17.08
CA PRO B 186 -28.91 -23.10 -18.18
C PRO B 186 -30.17 -22.32 -17.75
N GLU B 187 -30.61 -22.43 -16.49
CA GLU B 187 -31.75 -21.65 -15.97
C GLU B 187 -31.46 -20.15 -15.93
N GLN B 188 -30.21 -19.74 -15.68
CA GLN B 188 -29.77 -18.35 -15.77
C GLN B 188 -29.61 -17.87 -17.23
N TRP B 189 -29.35 -18.76 -18.18
CA TRP B 189 -29.43 -18.44 -19.62
C TRP B 189 -30.89 -18.30 -20.09
N LYS B 190 -31.74 -19.26 -19.77
CA LYS B 190 -33.14 -19.32 -20.22
C LYS B 190 -34.03 -18.25 -19.55
N SER B 191 -33.63 -17.73 -18.38
CA SER B 191 -34.32 -16.61 -17.71
C SER B 191 -33.82 -15.25 -18.22
N HIS B 192 -32.51 -14.98 -18.15
CA HIS B 192 -31.90 -13.80 -18.77
C HIS B 192 -31.39 -14.14 -20.17
N ARG B 193 -32.35 -14.20 -21.10
CA ARG B 193 -32.19 -14.70 -22.48
C ARG B 193 -31.17 -13.88 -23.28
N SER B 194 -30.83 -12.68 -22.81
CA SER B 194 -29.63 -11.96 -23.21
C SER B 194 -28.89 -11.41 -21.99
N TYR B 195 -27.61 -11.14 -22.17
CA TYR B 195 -26.80 -10.35 -21.26
C TYR B 195 -26.33 -9.12 -22.01
N SER B 196 -26.23 -7.99 -21.32
CA SER B 196 -25.70 -6.74 -21.86
C SER B 196 -24.52 -6.27 -21.02
N CYS B 197 -23.59 -5.54 -21.59
CA CYS B 197 -22.38 -5.13 -20.89
C CYS B 197 -22.03 -3.70 -21.21
N GLN B 198 -21.58 -2.93 -20.22
CA GLN B 198 -20.81 -1.73 -20.48
C GLN B 198 -19.37 -2.08 -20.83
N VAL B 199 -18.82 -1.39 -21.83
CA VAL B 199 -17.47 -1.58 -22.35
C VAL B 199 -16.85 -0.21 -22.55
N THR B 200 -16.06 0.25 -21.59
CA THR B 200 -15.52 1.62 -21.57
C THR B 200 -14.05 1.65 -21.94
N HIS B 201 -13.70 2.63 -22.78
CA HIS B 201 -12.32 2.98 -23.11
C HIS B 201 -12.27 4.41 -23.64
N GLU B 202 -11.09 5.01 -23.68
CA GLU B 202 -10.90 6.46 -23.87
C GLU B 202 -11.54 6.98 -25.17
N GLY B 203 -12.51 7.90 -25.06
CA GLY B 203 -13.27 8.44 -26.20
C GLY B 203 -14.01 7.40 -27.04
N SER B 204 -14.27 6.21 -26.48
CA SER B 204 -14.63 4.99 -27.22
C SER B 204 -15.70 4.12 -26.54
N THR B 205 -16.38 4.61 -25.50
CA THR B 205 -17.32 3.81 -24.70
C THR B 205 -18.50 3.30 -25.52
N VAL B 206 -18.93 2.07 -25.27
CA VAL B 206 -20.08 1.42 -25.89
C VAL B 206 -20.78 0.49 -24.89
N GLU B 207 -22.02 0.09 -25.15
CA GLU B 207 -22.67 -1.03 -24.46
C GLU B 207 -23.16 -2.08 -25.47
N LYS B 208 -22.90 -3.37 -25.21
CA LYS B 208 -23.03 -4.48 -26.19
C LYS B 208 -23.64 -5.73 -25.56
N THR B 209 -24.12 -6.68 -26.35
CA THR B 209 -24.94 -7.81 -25.86
C THR B 209 -24.60 -9.16 -26.47
N VAL B 210 -25.02 -10.22 -25.78
CA VAL B 210 -25.00 -11.62 -26.24
C VAL B 210 -26.32 -12.32 -25.95
N ALA B 211 -26.72 -13.27 -26.79
CA ALA B 211 -27.83 -14.19 -26.55
C ALA B 211 -27.50 -15.60 -27.08
N PRO B 212 -27.84 -16.70 -26.38
CA PRO B 212 -27.49 -18.06 -26.83
C PRO B 212 -28.05 -18.44 -28.21
N THR B 213 -29.20 -17.86 -28.58
CA THR B 213 -29.86 -18.05 -29.88
C THR B 213 -29.01 -17.60 -31.08
N GLU B 214 -28.00 -16.75 -30.87
CA GLU B 214 -27.07 -16.29 -31.90
C GLU B 214 -26.07 -17.39 -32.34
N CYS B 215 -25.82 -18.38 -31.48
CA CYS B 215 -24.73 -19.34 -31.64
C CYS B 215 -25.16 -20.82 -31.44
N SER B 216 -26.44 -21.07 -31.19
CA SER B 216 -27.03 -22.35 -30.80
C SER B 216 -26.48 -23.56 -31.56
N LYS C 525 -6.74 -1.25 52.66
CA LYS C 525 -7.67 -1.93 51.72
C LYS C 525 -7.01 -2.17 50.35
N ARG C 526 -7.18 -1.29 49.34
CA ARG C 526 -6.68 -1.45 47.94
C ARG C 526 -6.14 -0.15 47.33
N LYS C 527 -5.58 0.74 48.15
CA LYS C 527 -5.15 2.09 47.76
C LYS C 527 -3.97 2.17 46.78
N ALA C 528 -3.20 1.10 46.60
CA ALA C 528 -1.93 1.16 45.86
C ALA C 528 -2.06 1.72 44.44
N LEU C 529 -3.18 1.45 43.76
CA LEU C 529 -3.47 2.00 42.43
C LEU C 529 -3.53 3.54 42.39
N LEU C 530 -4.02 4.17 43.46
CA LEU C 530 -3.97 5.63 43.62
C LEU C 530 -2.54 6.11 43.75
N ASP C 531 -1.72 5.40 44.52
CA ASP C 531 -0.30 5.74 44.67
C ASP C 531 0.47 5.58 43.35
N GLU C 532 0.11 4.59 42.53
CA GLU C 532 0.59 4.47 41.16
C GLU C 532 0.14 5.67 40.30
N LEU C 533 -1.08 6.17 40.49
CA LEU C 533 -1.55 7.37 39.82
C LEU C 533 -0.84 8.65 40.32
N LYS C 534 -0.50 8.75 41.61
CA LYS C 534 0.33 9.85 42.13
C LYS C 534 1.69 9.86 41.45
N ALA C 535 2.29 8.68 41.28
CA ALA C 535 3.49 8.51 40.47
C ALA C 535 3.24 8.93 39.00
N LEU C 536 2.23 8.39 38.30
CA LEU C 536 1.92 8.79 36.92
C LEU C 536 1.76 10.31 36.78
N THR C 537 1.11 10.94 37.76
CA THR C 537 0.89 12.37 37.79
C THR C 537 2.21 13.12 37.91
N ALA C 538 3.08 12.73 38.86
CA ALA C 538 4.40 13.32 39.01
C ALA C 538 5.26 13.10 37.75
N GLU C 539 5.22 11.90 37.18
CA GLU C 539 5.88 11.56 35.94
C GLU C 539 5.43 12.53 34.84
N LEU C 540 4.12 12.63 34.60
CA LEU C 540 3.54 13.56 33.65
C LEU C 540 3.83 15.02 33.96
N LYS C 541 3.91 15.42 35.23
CA LYS C 541 4.30 16.79 35.61
C LYS C 541 5.70 17.10 35.11
N VAL C 542 6.66 16.20 35.35
CA VAL C 542 8.03 16.38 34.90
C VAL C 542 8.07 16.49 33.37
N TYR C 543 7.41 15.59 32.65
CA TYR C 543 7.30 15.71 31.20
C TYR C 543 6.66 17.03 30.79
N SER C 544 5.61 17.47 31.49
CA SER C 544 4.89 18.70 31.17
C SER C 544 5.76 19.95 31.37
N VAL C 545 6.56 20.00 32.42
CA VAL C 545 7.54 21.09 32.62
C VAL C 545 8.59 21.09 31.51
N ILE C 546 9.09 19.91 31.13
CA ILE C 546 10.05 19.79 30.04
C ILE C 546 9.41 20.27 28.72
N GLN C 547 8.20 19.82 28.40
CA GLN C 547 7.46 20.30 27.22
C GLN C 547 7.20 21.81 27.28
N SER C 548 6.99 22.36 28.47
CA SER C 548 6.81 23.80 28.64
C SER C 548 8.08 24.58 28.29
N GLN C 549 9.29 24.05 28.54
CA GLN C 549 10.50 24.63 27.96
C GLN C 549 10.55 24.43 26.44
N ILE C 550 10.26 23.22 25.97
CA ILE C 550 10.34 22.85 24.56
C ILE C 550 9.50 23.80 23.70
N ASN C 551 8.22 23.97 24.01
CA ASN C 551 7.32 24.79 23.21
C ASN C 551 7.76 26.25 23.17
N ALA C 552 8.25 26.77 24.29
CA ALA C 552 8.80 28.11 24.33
C ALA C 552 10.06 28.20 23.44
N ALA C 553 10.99 27.26 23.56
CA ALA C 553 12.22 27.24 22.77
C ALA C 553 11.94 27.24 21.27
N LEU C 554 11.05 26.34 20.83
CA LEU C 554 10.57 26.28 19.44
C LEU C 554 9.96 27.61 18.99
N SER C 555 9.07 28.19 19.80
CA SER C 555 8.40 29.46 19.49
C SER C 555 9.40 30.62 19.42
N ALA C 556 10.48 30.54 20.18
CA ALA C 556 11.62 31.47 20.15
C ALA C 556 12.69 31.09 19.10
N LYS C 557 12.46 30.05 18.28
CA LYS C 557 13.40 29.53 17.27
C LYS C 557 14.77 29.09 17.84
N GLN C 558 14.81 28.71 19.11
CA GLN C 558 16.00 28.22 19.80
C GLN C 558 16.10 26.70 19.71
N GLY C 559 17.33 26.16 19.85
CA GLY C 559 17.54 24.75 20.17
C GLY C 559 17.24 24.41 21.64
N ILE C 560 17.45 23.16 22.03
CA ILE C 560 17.28 22.67 23.42
C ILE C 560 18.40 21.69 23.80
N ARG C 561 18.71 21.58 25.10
CA ARG C 561 19.72 20.67 25.62
C ARG C 561 19.14 19.64 26.58
N ILE C 562 19.51 18.38 26.40
CA ILE C 562 19.14 17.30 27.32
C ILE C 562 20.24 16.92 28.30
N ASP C 563 21.48 17.29 28.03
CA ASP C 563 22.68 16.81 28.71
C ASP C 563 23.15 17.74 29.85
N ALA C 564 24.39 17.53 30.32
CA ALA C 564 25.06 18.38 31.31
C ALA C 564 25.33 19.83 30.84
N GLY C 565 25.12 20.15 29.57
CA GLY C 565 25.08 21.53 29.07
C GLY C 565 23.72 22.20 29.26
N GLY C 566 22.66 21.44 29.59
CA GLY C 566 21.33 21.93 29.96
C GLY C 566 21.08 21.96 31.47
N ILE C 567 19.81 22.09 31.87
CA ILE C 567 19.40 22.13 33.29
C ILE C 567 19.47 20.76 34.00
N ASP C 568 19.35 20.78 35.33
CA ASP C 568 19.16 19.60 36.17
C ASP C 568 17.72 19.54 36.69
N LEU C 569 17.11 18.36 36.65
CA LEU C 569 15.69 18.21 37.00
C LEU C 569 15.40 18.21 38.51
N VAL C 570 16.38 17.89 39.35
CA VAL C 570 16.23 17.75 40.82
C VAL C 570 16.34 19.12 41.49
N ASP C 571 15.52 20.05 41.04
CA ASP C 571 15.62 21.47 41.34
C ASP C 571 14.23 22.06 41.69
N PRO C 572 14.10 22.88 42.73
CA PRO C 572 12.80 23.39 43.14
C PRO C 572 12.10 24.23 42.07
N THR C 573 12.78 24.71 41.02
CA THR C 573 12.13 25.37 39.87
C THR C 573 11.09 24.50 39.14
N LEU C 574 11.03 23.20 39.39
CA LEU C 574 9.91 22.33 39.01
C LEU C 574 8.56 22.76 39.65
N TYR C 575 8.57 23.60 40.69
CA TYR C 575 7.37 24.16 41.34
C TYR C 575 7.50 25.63 41.79
N GLY C 576 8.70 26.07 42.18
CA GLY C 576 8.95 27.32 42.88
C GLY C 576 10.44 27.55 43.15
N TYR C 577 10.80 27.93 44.37
CA TYR C 577 12.17 28.30 44.76
C TYR C 577 12.50 27.84 46.19
N ALA C 578 13.79 27.55 46.46
CA ALA C 578 14.29 27.02 47.73
C ALA C 578 13.54 25.76 48.22
N VAL C 579 13.75 25.37 49.48
CA VAL C 579 12.86 24.44 50.18
C VAL C 579 11.65 25.23 50.70
N GLY C 580 10.55 25.19 49.97
CA GLY C 580 9.25 25.76 50.36
C GLY C 580 8.56 24.92 51.43
N ASP C 581 9.25 24.68 52.55
CA ASP C 581 8.99 23.63 53.53
C ASP C 581 9.17 22.20 52.95
N PRO C 582 9.26 21.15 53.80
CA PRO C 582 9.56 19.79 53.33
C PRO C 582 8.59 19.16 52.33
N ARG C 583 7.45 19.80 52.01
CA ARG C 583 6.46 19.30 51.03
C ARG C 583 7.08 18.92 49.68
N TRP C 584 8.08 19.66 49.21
CA TRP C 584 8.77 19.32 47.95
C TRP C 584 9.70 18.11 48.12
N LYS C 585 10.51 18.05 49.19
CA LYS C 585 11.32 16.87 49.53
C LYS C 585 10.47 15.60 49.70
N ASP C 586 9.26 15.76 50.24
CA ASP C 586 8.28 14.69 50.45
C ASP C 586 7.52 14.30 49.17
N SER C 587 7.59 15.09 48.09
CA SER C 587 6.75 14.89 46.90
C SER C 587 7.09 13.59 46.17
N PRO C 588 6.09 12.94 45.51
CA PRO C 588 6.36 11.81 44.64
C PRO C 588 7.37 12.16 43.53
N GLU C 589 7.35 13.41 43.06
CA GLU C 589 8.33 13.96 42.12
C GLU C 589 9.77 13.84 42.66
N TYR C 590 10.05 14.46 43.80
CA TYR C 590 11.38 14.45 44.41
C TYR C 590 11.80 13.03 44.81
N ALA C 591 10.87 12.26 45.37
CA ALA C 591 11.09 10.89 45.73
C ALA C 591 11.52 10.08 44.50
N LEU C 592 10.76 10.13 43.41
CA LEU C 592 11.06 9.39 42.20
C LEU C 592 12.42 9.77 41.62
N LEU C 593 12.67 11.08 41.45
CA LEU C 593 13.95 11.58 40.94
C LEU C 593 15.11 11.07 41.81
N SER C 594 15.03 11.26 43.13
CA SER C 594 16.08 10.81 44.04
C SER C 594 16.17 9.28 44.15
N ASN C 595 15.14 8.53 43.77
CA ASN C 595 15.18 7.06 43.71
C ASN C 595 15.92 6.53 42.47
N LEU C 596 16.08 7.30 41.39
CA LEU C 596 16.50 6.71 40.11
C LEU C 596 17.88 6.05 40.15
N ASP C 597 18.00 4.96 39.40
CA ASP C 597 19.24 4.24 39.09
C ASP C 597 20.28 5.16 38.42
N THR C 598 19.82 6.13 37.63
CA THR C 598 20.66 7.14 36.99
C THR C 598 20.89 8.39 37.86
N PHE C 599 20.19 8.54 38.98
CA PHE C 599 20.41 9.68 39.89
C PHE C 599 21.72 9.54 40.68
N SER C 600 22.38 10.67 40.93
CA SER C 600 23.75 10.73 41.47
C SER C 600 23.95 11.82 42.54
N GLY C 601 22.86 12.35 43.10
CA GLY C 601 22.81 13.73 43.64
C GLY C 601 22.42 14.76 42.57
N LYS C 602 22.64 14.43 41.29
CA LYS C 602 22.29 15.17 40.08
C LYS C 602 21.78 14.24 38.97
N LEU C 603 21.07 14.79 37.99
CA LEU C 603 20.37 14.09 36.91
C LEU C 603 19.95 15.06 35.77
N SER C 604 20.54 14.90 34.59
CA SER C 604 20.10 15.62 33.38
C SER C 604 18.83 14.99 32.77
N ILE C 605 18.21 15.66 31.80
CA ILE C 605 17.10 15.08 31.02
C ILE C 605 17.53 13.77 30.37
N LYS C 606 18.75 13.70 29.84
CA LYS C 606 19.29 12.48 29.22
C LYS C 606 19.35 11.33 30.23
N ASP C 607 19.79 11.62 31.44
CA ASP C 607 19.83 10.66 32.54
C ASP C 607 18.44 10.27 33.04
N PHE C 608 17.47 11.19 32.98
CA PHE C 608 16.08 10.92 33.34
C PHE C 608 15.37 10.05 32.32
N LEU C 609 15.48 10.37 31.03
CA LEU C 609 14.86 9.63 29.93
C LEU C 609 15.41 8.20 29.84
N SER C 610 16.74 8.07 29.83
CA SER C 610 17.41 6.76 29.91
C SER C 610 17.43 6.18 31.35
N GLY C 611 16.72 6.82 32.29
CA GLY C 611 16.62 6.41 33.68
C GLY C 611 15.61 5.30 33.96
N SER C 612 15.63 4.82 35.21
CA SER C 612 14.78 3.78 35.79
C SER C 612 14.91 3.85 37.33
N PRO C 613 14.04 3.21 38.13
CA PRO C 613 12.77 2.60 37.76
C PRO C 613 11.66 3.64 37.58
N LYS C 614 10.74 3.40 36.64
CA LYS C 614 9.58 4.27 36.35
C LYS C 614 8.52 3.52 35.56
N GLN C 615 7.29 4.02 35.52
CA GLN C 615 6.15 3.28 34.96
C GLN C 615 6.10 3.27 33.42
N SER C 616 6.83 4.16 32.75
CA SER C 616 6.80 4.38 31.30
C SER C 616 7.68 3.44 30.47
N GLY C 617 8.61 2.73 31.08
CA GLY C 617 9.77 2.16 30.38
C GLY C 617 10.81 3.21 30.00
N GLU C 618 12.01 2.75 29.65
CA GLU C 618 13.19 3.55 29.31
C GLU C 618 13.22 3.99 27.82
N LEU C 619 13.84 5.12 27.52
CA LEU C 619 14.02 5.61 26.15
C LEU C 619 15.50 5.59 25.73
N LYS C 620 15.79 4.90 24.61
CA LYS C 620 17.12 4.75 24.02
C LYS C 620 17.44 5.84 22.97
N GLY C 621 18.69 5.86 22.50
CA GLY C 621 19.09 6.60 21.29
C GLY C 621 19.19 8.12 21.43
N LEU C 622 19.32 8.62 22.66
CA LEU C 622 19.38 10.04 22.98
C LEU C 622 20.70 10.67 22.49
N LYS C 623 20.68 11.95 22.09
CA LYS C 623 21.89 12.72 21.72
C LYS C 623 22.39 13.61 22.86
N ASP C 624 22.26 14.94 22.76
CA ASP C 624 22.91 15.88 23.67
C ASP C 624 22.30 17.30 23.58
N GLU C 625 22.44 17.93 22.42
CA GLU C 625 21.86 19.23 22.05
C GLU C 625 21.10 19.07 20.74
N TYR C 626 19.86 19.54 20.69
CA TYR C 626 19.02 19.52 19.50
C TYR C 626 18.98 20.93 18.90
N PRO C 627 19.57 21.16 17.71
CA PRO C 627 19.74 22.49 17.17
C PRO C 627 18.56 22.89 16.28
N PHE C 628 18.19 24.16 16.28
CA PHE C 628 17.17 24.69 15.37
C PHE C 628 17.74 24.93 13.97
N GLU C 629 18.43 23.94 13.44
CA GLU C 629 18.98 23.96 12.09
C GLU C 629 17.83 23.83 11.09
N LYS C 630 17.60 24.92 10.36
CA LYS C 630 16.52 25.11 9.40
C LYS C 630 16.58 24.04 8.31
N ASP C 631 15.43 23.51 7.92
CA ASP C 631 15.25 22.29 7.10
C ASP C 631 15.70 20.97 7.77
N ASN C 632 14.88 19.94 7.60
CA ASN C 632 14.88 18.70 8.41
C ASN C 632 14.64 18.99 9.92
N ASN C 633 14.06 20.14 10.24
CA ASN C 633 14.25 20.89 11.49
C ASN C 633 13.91 20.08 12.77
N PRO C 634 14.91 19.54 13.49
CA PRO C 634 14.75 18.34 14.32
C PRO C 634 14.20 18.58 15.72
N VAL C 635 14.14 19.83 16.19
CA VAL C 635 13.72 20.12 17.57
C VAL C 635 12.30 19.62 17.83
N GLY C 636 11.40 19.78 16.86
CA GLY C 636 10.05 19.22 16.94
C GLY C 636 10.04 17.70 17.00
N ASN C 637 11.00 17.02 16.39
CA ASN C 637 11.06 15.57 16.45
C ASN C 637 11.48 15.07 17.83
N PHE C 638 12.36 15.78 18.53
CA PHE C 638 12.61 15.46 19.93
C PHE C 638 11.34 15.64 20.76
N ALA C 639 10.63 16.75 20.59
CA ALA C 639 9.35 16.99 21.25
C ALA C 639 8.36 15.85 20.97
N THR C 640 8.31 15.41 19.72
CA THR C 640 7.49 14.29 19.30
C THR C 640 7.94 12.99 19.95
N THR C 641 9.24 12.78 20.11
CA THR C 641 9.76 11.57 20.75
C THR C 641 9.38 11.51 22.23
N VAL C 642 9.53 12.62 22.96
CA VAL C 642 9.03 12.72 24.35
C VAL C 642 7.52 12.52 24.38
N SER C 643 6.81 13.05 23.39
CA SER C 643 5.37 12.81 23.22
C SER C 643 5.09 11.32 23.03
N ASP C 644 5.96 10.59 22.34
CA ASP C 644 5.78 9.17 22.10
C ASP C 644 5.76 8.37 23.41
N ARG C 645 6.68 8.62 24.36
CA ARG C 645 6.58 8.01 25.72
C ARG C 645 5.48 8.64 26.57
N SER C 646 5.03 9.84 26.26
CA SER C 646 3.84 10.41 26.90
C SER C 646 2.56 9.67 26.51
N ARG C 647 2.45 9.12 25.29
CA ARG C 647 1.24 8.39 24.87
C ARG C 647 0.92 7.20 25.78
N PRO C 648 1.85 6.27 26.07
CA PRO C 648 1.64 5.23 27.07
C PRO C 648 1.19 5.76 28.43
N LEU C 649 1.69 6.92 28.87
CA LEU C 649 1.21 7.52 30.11
C LEU C 649 -0.24 7.95 29.99
N ASN C 650 -0.66 8.60 28.91
CA ASN C 650 -2.08 8.85 28.71
C ASN C 650 -2.88 7.54 28.68
N ASP C 651 -2.37 6.49 28.05
CA ASP C 651 -3.06 5.20 27.97
C ASP C 651 -3.25 4.57 29.36
N LYS C 652 -2.16 4.49 30.12
CA LYS C 652 -2.17 3.99 31.50
C LYS C 652 -3.04 4.87 32.39
N VAL C 653 -2.95 6.18 32.27
CA VAL C 653 -3.84 7.10 32.99
C VAL C 653 -5.27 6.79 32.62
N ASN C 654 -5.62 6.66 31.34
CA ASN C 654 -6.98 6.40 30.92
C ASN C 654 -7.54 5.11 31.52
N GLU C 655 -6.82 4.00 31.40
CA GLU C 655 -7.27 2.74 31.98
C GLU C 655 -7.31 2.80 33.50
N LYS C 656 -6.23 3.21 34.15
CA LYS C 656 -6.18 3.25 35.61
C LYS C 656 -7.25 4.19 36.16
N THR C 657 -7.43 5.38 35.58
CA THR C 657 -8.52 6.28 35.98
C THR C 657 -9.88 5.65 35.71
N THR C 658 -10.06 4.88 34.64
CA THR C 658 -11.31 4.15 34.41
C THR C 658 -11.55 3.13 35.52
N LEU C 659 -10.56 2.31 35.86
CA LEU C 659 -10.68 1.35 36.95
C LEU C 659 -10.97 2.05 38.28
N LEU C 660 -10.29 3.15 38.55
CA LEU C 660 -10.56 3.98 39.71
C LEU C 660 -11.98 4.53 39.69
N ASN C 661 -12.50 4.95 38.54
CA ASN C 661 -13.88 5.37 38.41
C ASN C 661 -14.88 4.20 38.39
N ASP C 662 -14.41 2.95 38.45
CA ASP C 662 -15.20 1.77 38.80
C ASP C 662 -15.05 1.38 40.29
N THR C 663 -14.22 2.11 41.04
CA THR C 663 -14.09 2.01 42.50
C THR C 663 -15.14 2.85 43.22
#